data_2WFJ
#
_entry.id   2WFJ
#
_cell.length_a   37.319
_cell.length_b   64.913
_cell.length_c   69.285
_cell.angle_alpha   90.00
_cell.angle_beta   90.00
_cell.angle_gamma   90.00
#
_symmetry.space_group_name_H-M   'P 21 21 21'
#
loop_
_entity.id
_entity.type
_entity.pdbx_description
1 polymer 'PEPTIDYL-PROLYL CIS-TRANS ISOMERASE G'
2 polymer 'CYCLOSPORIN A'
3 non-polymer 1,2-ETHANEDIOL
4 non-polymer 'MAGNESIUM ION'
5 non-polymer 'CHLORIDE ION'
6 water water
#
loop_
_entity_poly.entity_id
_entity_poly.type
_entity_poly.pdbx_seq_one_letter_code
_entity_poly.pdbx_strand_id
1 'polypeptide(L)'
;GAMGIKVQRPRCFFDIAINNQPAGRVVFELFSDVCPKTCENFRCLCTGEKGTGKSTQKPLHYKSCLFHRVVKDFMVQGGD
FSEGNGRGGESIYGGFFEDESFAVKHNKEFLLSMANRGKDTNGSQFFITTKPTPHLDGHHVVFGQVISGQEVVREIENQK
TDAASKPFAEVRILSCGEL
;
A
2 'polypeptide(L)' (DAL)(MLE)(MLE)(MVA)(BMT)(ABA)(SAR)(MLE)V(MLE)A B
#
# COMPACT_ATOMS: atom_id res chain seq x y z
N GLN A 8 -17.92 -11.10 -4.21
CA GLN A 8 -16.63 -11.82 -4.45
C GLN A 8 -15.47 -10.97 -4.01
N ARG A 9 -15.63 -9.64 -3.77
CA ARG A 9 -14.50 -8.80 -3.54
C ARG A 9 -13.90 -9.07 -2.15
N PRO A 10 -12.62 -9.29 -2.08
CA PRO A 10 -12.04 -9.51 -0.77
C PRO A 10 -11.94 -8.19 0.02
N ARG A 11 -11.83 -8.40 1.33
CA ARG A 11 -11.60 -7.32 2.26
C ARG A 11 -10.35 -7.65 3.08
N CYS A 12 -9.45 -6.67 3.16
CA CYS A 12 -8.19 -6.82 3.87
C CYS A 12 -8.06 -5.71 4.90
N PHE A 13 -7.15 -5.89 5.85
CA PHE A 13 -6.98 -4.90 6.90
C PHE A 13 -5.51 -4.72 7.25
N PHE A 14 -5.26 -3.51 7.78
CA PHE A 14 -4.02 -3.18 8.51
C PHE A 14 -4.40 -2.65 9.90
N ASP A 15 -3.72 -3.15 10.94
CA ASP A 15 -3.74 -2.50 12.25
C ASP A 15 -2.47 -1.63 12.33
N ILE A 16 -2.66 -0.33 12.56
CA ILE A 16 -1.58 0.64 12.46
C ILE A 16 -1.11 1.07 13.84
N ALA A 17 0.19 1.28 13.97
CA ALA A 17 0.75 1.99 15.15
C ALA A 17 1.56 3.17 14.65
N ILE A 18 1.57 4.21 15.48
CA ILE A 18 2.35 5.43 15.18
C ILE A 18 3.28 5.61 16.40
N ASN A 19 4.58 5.46 16.18
CA ASN A 19 5.54 5.38 17.28
C ASN A 19 5.10 4.37 18.33
N ASN A 20 4.72 3.17 17.85
CA ASN A 20 4.37 2.00 18.63
CA ASN A 20 4.40 2.03 18.68
C ASN A 20 3.11 2.17 19.45
N GLN A 21 2.33 3.23 19.20
CA GLN A 21 1.07 3.46 19.85
C GLN A 21 -0.05 3.07 18.87
N PRO A 22 -0.90 2.10 19.21
CA PRO A 22 -1.96 1.70 18.27
C PRO A 22 -2.84 2.88 17.90
N ALA A 23 -3.10 2.99 16.61
CA ALA A 23 -3.89 4.07 16.02
C ALA A 23 -5.23 3.58 15.50
N GLY A 24 -5.42 2.29 15.30
CA GLY A 24 -6.66 1.76 14.77
C GLY A 24 -6.43 0.93 13.50
N ARG A 25 -7.56 0.43 12.99
CA ARG A 25 -7.60 -0.47 11.87
C ARG A 25 -8.12 0.22 10.62
N VAL A 26 -7.43 -0.02 9.51
CA VAL A 26 -7.87 0.40 8.17
C VAL A 26 -8.33 -0.87 7.45
N VAL A 27 -9.54 -0.84 6.89
CA VAL A 27 -10.06 -1.96 6.13
C VAL A 27 -10.24 -1.49 4.67
N PHE A 28 -9.84 -2.35 3.75
CA PHE A 28 -9.90 -2.11 2.33
C PHE A 28 -10.83 -3.15 1.68
N GLU A 29 -11.56 -2.70 0.65
CA GLU A 29 -12.19 -3.58 -0.29
C GLU A 29 -11.36 -3.57 -1.57
N LEU A 30 -11.10 -4.75 -2.13
CA LEU A 30 -10.27 -4.88 -3.31
C LEU A 30 -11.15 -5.20 -4.53
N PHE A 31 -10.92 -4.47 -5.63
CA PHE A 31 -11.72 -4.61 -6.84
C PHE A 31 -11.21 -5.76 -7.70
N SER A 32 -11.41 -6.98 -7.21
CA SER A 32 -10.88 -8.17 -7.87
C SER A 32 -11.53 -8.45 -9.20
N ASP A 33 -12.73 -7.91 -9.40
CA ASP A 33 -13.44 -7.98 -10.65
C ASP A 33 -12.80 -7.13 -11.74
N VAL A 34 -12.06 -6.09 -11.37
CA VAL A 34 -11.42 -5.15 -12.28
C VAL A 34 -9.95 -5.48 -12.48
N CYS A 35 -9.24 -5.75 -11.37
CA CYS A 35 -7.81 -6.00 -11.57
CA CYS A 35 -7.81 -5.86 -11.30
C CYS A 35 -7.41 -7.14 -10.56
N PRO A 36 -7.76 -8.34 -11.03
CA PRO A 36 -7.57 -9.50 -10.16
C PRO A 36 -6.13 -9.79 -9.82
N LYS A 37 -5.20 -9.67 -10.76
CA LYS A 37 -3.83 -10.02 -10.45
C LYS A 37 -3.26 -9.04 -9.40
N THR A 38 -3.63 -7.76 -9.54
CA THR A 38 -3.18 -6.73 -8.62
C THR A 38 -3.78 -6.96 -7.22
N CYS A 39 -5.07 -7.30 -7.19
CA CYS A 39 -5.72 -7.53 -5.92
C CYS A 39 -5.13 -8.78 -5.22
N GLU A 40 -4.86 -9.84 -5.99
CA GLU A 40 -4.34 -11.06 -5.38
C GLU A 40 -2.97 -10.81 -4.76
N ASN A 41 -2.14 -10.00 -5.43
CA ASN A 41 -0.83 -9.64 -4.86
C ASN A 41 -1.01 -8.96 -3.51
N PHE A 42 -1.85 -7.92 -3.47
CA PHE A 42 -2.04 -7.18 -2.21
C PHE A 42 -2.62 -8.09 -1.12
N ARG A 43 -3.62 -8.88 -1.49
CA ARG A 43 -4.25 -9.79 -0.53
C ARG A 43 -3.20 -10.72 0.08
N CYS A 44 -2.38 -11.31 -0.78
CA CYS A 44 -1.36 -12.23 -0.28
C CYS A 44 -0.29 -11.51 0.53
N LEU A 45 0.05 -10.27 0.19
CA LEU A 45 1.01 -9.53 1.03
C LEU A 45 0.40 -9.26 2.41
N CYS A 46 -0.94 -9.13 2.49
CA CYS A 46 -1.56 -8.97 3.80
C CYS A 46 -1.48 -10.26 4.65
N THR A 47 -1.65 -11.43 4.01
CA THR A 47 -1.64 -12.67 4.79
C THR A 47 -0.26 -13.25 4.98
N GLY A 48 0.68 -12.93 4.11
CA GLY A 48 2.01 -13.54 4.12
C GLY A 48 2.03 -14.94 3.50
N GLU A 49 0.94 -15.39 2.92
CA GLU A 49 0.82 -16.80 2.54
C GLU A 49 1.73 -17.27 1.47
N LYS A 50 2.35 -16.40 0.66
CA LYS A 50 3.19 -16.80 -0.44
C LYS A 50 4.65 -16.94 -0.07
N GLY A 51 5.00 -16.70 1.19
CA GLY A 51 6.35 -17.02 1.68
C GLY A 51 7.35 -15.97 1.29
N THR A 52 8.50 -16.36 0.76
CA THR A 52 9.60 -15.41 0.60
CA THR A 52 9.68 -15.50 0.58
C THR A 52 9.71 -14.95 -0.84
N GLY A 53 10.02 -13.68 -0.93
CA GLY A 53 10.15 -13.02 -2.21
C GLY A 53 11.41 -13.53 -2.95
N LYS A 54 11.23 -13.73 -4.26
CA LYS A 54 12.33 -14.37 -5.01
CA LYS A 54 12.30 -14.34 -5.05
C LYS A 54 13.55 -13.51 -5.06
N SER A 55 13.46 -12.27 -5.47
CA SER A 55 14.64 -11.41 -5.55
C SER A 55 15.04 -10.84 -4.21
N THR A 56 14.08 -10.54 -3.36
CA THR A 56 14.40 -9.89 -2.11
C THR A 56 14.83 -10.89 -1.02
N GLN A 57 14.38 -12.12 -1.13
CA GLN A 57 14.66 -13.13 -0.10
C GLN A 57 14.17 -12.66 1.28
N LYS A 58 13.09 -11.91 1.28
CA LYS A 58 12.44 -11.52 2.54
CA LYS A 58 12.43 -11.43 2.50
C LYS A 58 10.99 -11.89 2.44
N PRO A 59 10.29 -11.99 3.56
CA PRO A 59 8.89 -12.43 3.51
C PRO A 59 8.04 -11.45 2.71
N LEU A 60 7.20 -12.03 1.85
CA LEU A 60 6.19 -11.30 1.07
C LEU A 60 5.04 -11.01 2.01
N HIS A 61 5.22 -9.99 2.85
CA HIS A 61 4.31 -9.80 3.97
C HIS A 61 4.38 -8.34 4.41
N TYR A 62 3.23 -7.73 4.61
CA TYR A 62 3.16 -6.37 5.10
C TYR A 62 3.30 -6.27 6.62
N LYS A 63 3.35 -7.39 7.34
CA LYS A 63 3.47 -7.27 8.78
CA LYS A 63 3.51 -7.35 8.77
C LYS A 63 4.80 -6.64 9.14
N SER A 64 4.70 -5.60 9.97
CA SER A 64 5.85 -4.81 10.40
CA SER A 64 5.76 -4.71 10.46
C SER A 64 6.34 -3.81 9.33
N CYS A 65 5.65 -3.73 8.20
N CYS A 65 5.63 -3.77 8.20
N CYS A 65 5.85 -3.82 8.07
CA CYS A 65 6.03 -2.81 7.13
CA CYS A 65 6.00 -2.78 7.20
CA CYS A 65 6.46 -2.76 7.28
C CYS A 65 5.62 -1.38 7.51
C CYS A 65 5.73 -1.36 7.68
C CYS A 65 5.78 -1.42 7.61
N LEU A 66 6.41 -0.41 7.02
CA LEU A 66 6.14 0.98 7.27
C LEU A 66 5.29 1.62 6.14
N PHE A 67 4.64 2.74 6.53
CA PHE A 67 4.25 3.81 5.58
C PHE A 67 5.44 4.77 5.56
N HIS A 68 6.27 4.66 4.50
CA HIS A 68 7.51 5.36 4.45
C HIS A 68 7.42 6.73 3.82
N ARG A 69 6.31 7.11 3.22
CA ARG A 69 6.24 8.40 2.53
C ARG A 69 4.82 8.96 2.70
N VAL A 70 4.74 10.18 3.20
CA VAL A 70 3.48 10.84 3.46
C VAL A 70 3.55 12.25 2.90
N VAL A 71 2.54 12.66 2.17
CA VAL A 71 2.44 14.02 1.65
C VAL A 71 1.03 14.51 1.92
N LYS A 72 0.89 15.48 2.83
CA LYS A 72 -0.41 16.02 3.19
C LYS A 72 -1.09 16.58 1.93
N ASP A 73 -2.40 16.29 1.83
CA ASP A 73 -3.25 16.71 0.76
C ASP A 73 -2.90 15.99 -0.56
N PHE A 74 -2.20 14.87 -0.48
CA PHE A 74 -1.86 14.08 -1.65
C PHE A 74 -2.13 12.58 -1.37
N MET A 75 -1.23 11.93 -0.63
CA MET A 75 -1.38 10.49 -0.41
C MET A 75 -0.45 10.06 0.73
N VAL A 76 -0.68 8.80 1.15
CA VAL A 76 0.25 8.11 2.03
C VAL A 76 0.68 6.81 1.33
N GLN A 77 1.95 6.46 1.46
CA GLN A 77 2.57 5.37 0.68
C GLN A 77 3.29 4.40 1.62
N GLY A 78 3.14 3.11 1.32
CA GLY A 78 3.84 2.10 2.08
C GLY A 78 4.06 0.84 1.24
N GLY A 79 4.43 -0.24 1.95
CA GLY A 79 4.57 -1.54 1.31
C GLY A 79 5.98 -1.97 0.96
N ASP A 80 6.99 -1.16 1.28
CA ASP A 80 8.37 -1.55 0.99
C ASP A 80 8.88 -2.42 2.14
N PHE A 81 8.56 -3.73 2.03
CA PHE A 81 8.87 -4.65 3.10
C PHE A 81 10.35 -4.97 3.18
N SER A 82 11.11 -4.74 2.15
CA SER A 82 12.52 -5.14 2.13
C SER A 82 13.48 -4.05 2.52
N GLU A 83 13.17 -2.79 2.21
CA GLU A 83 14.06 -1.67 2.51
C GLU A 83 13.41 -0.59 3.34
N GLY A 84 12.08 -0.53 3.43
CA GLY A 84 11.40 0.48 4.26
C GLY A 84 11.56 1.92 3.82
N ASN A 85 11.94 2.14 2.58
CA ASN A 85 12.27 3.50 2.19
C ASN A 85 11.86 3.87 0.77
N GLY A 86 11.17 2.96 0.06
CA GLY A 86 10.77 3.16 -1.31
C GLY A 86 11.63 2.48 -2.33
N ARG A 87 12.86 2.09 -1.97
CA ARG A 87 13.72 1.47 -2.94
C ARG A 87 13.44 -0.01 -3.14
N GLY A 88 12.83 -0.67 -2.16
CA GLY A 88 12.67 -2.09 -2.16
C GLY A 88 11.28 -2.51 -2.59
N GLY A 89 10.94 -3.72 -2.20
CA GLY A 89 9.68 -4.33 -2.54
C GLY A 89 9.77 -5.30 -3.71
N GLU A 90 8.75 -6.14 -3.82
CA GLU A 90 8.59 -7.05 -4.93
CA GLU A 90 8.67 -7.24 -4.76
C GLU A 90 7.19 -7.66 -4.83
N SER A 91 6.69 -8.13 -5.97
CA SER A 91 5.41 -8.78 -5.99
C SER A 91 5.52 -10.28 -5.66
N ILE A 92 4.35 -10.87 -5.40
CA ILE A 92 4.27 -12.30 -5.15
C ILE A 92 4.58 -13.15 -6.39
N TYR A 93 4.68 -12.54 -7.55
CA TYR A 93 4.92 -13.25 -8.79
C TYR A 93 6.40 -13.35 -9.14
N GLY A 94 7.26 -12.73 -8.32
CA GLY A 94 8.65 -12.60 -8.59
C GLY A 94 8.91 -11.28 -9.34
N GLY A 95 9.71 -10.40 -8.80
CA GLY A 95 9.89 -9.13 -9.46
C GLY A 95 8.55 -8.40 -9.58
N PHE A 96 8.35 -7.73 -10.72
CA PHE A 96 7.19 -6.89 -10.92
C PHE A 96 6.19 -7.53 -11.88
N PHE A 97 5.00 -6.91 -11.91
CA PHE A 97 3.96 -7.34 -12.85
C PHE A 97 3.37 -6.14 -13.57
N GLU A 98 2.70 -6.45 -14.67
CA GLU A 98 2.17 -5.49 -15.62
CA GLU A 98 2.20 -5.45 -15.60
C GLU A 98 1.00 -4.70 -15.02
N ASP A 99 0.87 -3.44 -15.48
CA ASP A 99 -0.31 -2.64 -15.18
C ASP A 99 -1.56 -3.30 -15.79
N GLU A 100 -2.51 -3.61 -14.94
CA GLU A 100 -3.62 -4.44 -15.37
CA GLU A 100 -3.64 -4.43 -15.32
C GLU A 100 -4.77 -3.68 -15.96
N SER A 101 -5.15 -2.58 -15.36
CA SER A 101 -6.36 -1.80 -15.82
C SER A 101 -6.19 -0.36 -15.38
N PHE A 102 -6.60 0.54 -16.26
CA PHE A 102 -6.72 1.95 -15.94
C PHE A 102 -8.18 2.38 -15.82
N ALA A 103 -9.10 1.44 -15.66
CA ALA A 103 -10.50 1.79 -15.70
C ALA A 103 -10.98 2.58 -14.47
N VAL A 104 -10.38 2.39 -13.32
CA VAL A 104 -10.82 3.09 -12.12
C VAL A 104 -10.01 4.39 -12.02
N LYS A 105 -10.70 5.52 -11.89
CA LYS A 105 -10.04 6.80 -11.82
CA LYS A 105 -10.04 6.80 -11.83
C LYS A 105 -9.58 7.14 -10.43
N HIS A 106 -8.52 7.94 -10.36
CA HIS A 106 -8.05 8.50 -9.08
C HIS A 106 -8.81 9.79 -8.75
N ASN A 107 -10.14 9.66 -8.63
CA ASN A 107 -10.99 10.84 -8.58
C ASN A 107 -11.51 11.18 -7.21
N LYS A 108 -10.98 10.56 -6.16
CA LYS A 108 -11.43 10.78 -4.78
CA LYS A 108 -11.34 10.94 -4.81
C LYS A 108 -10.35 10.36 -3.82
N GLU A 109 -10.50 10.85 -2.60
CA GLU A 109 -9.76 10.35 -1.45
CA GLU A 109 -9.80 10.36 -1.43
C GLU A 109 -10.10 8.88 -1.17
N PHE A 110 -9.13 8.24 -0.50
CA PHE A 110 -9.24 6.93 0.10
C PHE A 110 -9.30 5.80 -0.94
N LEU A 111 -8.75 6.04 -2.10
CA LEU A 111 -8.52 4.98 -3.08
C LEU A 111 -7.14 4.35 -2.86
N LEU A 112 -7.07 3.06 -3.12
CA LEU A 112 -5.87 2.26 -2.97
C LEU A 112 -5.32 1.97 -4.38
N SER A 113 -4.07 2.37 -4.60
CA SER A 113 -3.46 2.33 -5.93
C SER A 113 -2.00 1.87 -5.81
N MET A 114 -1.45 1.39 -6.91
CA MET A 114 -0.08 0.88 -6.89
C MET A 114 0.93 1.99 -7.13
N ALA A 115 1.91 2.08 -6.25
CA ALA A 115 3.12 2.84 -6.53
C ALA A 115 3.95 2.04 -7.52
N ASN A 116 4.85 2.71 -8.28
CA ASN A 116 5.70 1.96 -9.20
C ASN A 116 6.93 2.79 -9.54
N ARG A 117 7.74 2.29 -10.45
CA ARG A 117 8.92 3.00 -10.93
C ARG A 117 8.90 3.06 -12.43
N GLY A 118 7.70 3.32 -12.97
CA GLY A 118 7.50 3.36 -14.41
C GLY A 118 6.54 2.32 -14.90
N LYS A 119 6.36 2.23 -16.19
CA LYS A 119 5.43 1.31 -16.79
C LYS A 119 5.72 -0.13 -16.41
N ASP A 120 4.66 -0.86 -16.04
CA ASP A 120 4.78 -2.30 -15.77
C ASP A 120 5.85 -2.65 -14.73
N THR A 121 5.81 -1.94 -13.60
CA THR A 121 6.74 -2.15 -12.51
C THR A 121 6.03 -2.26 -11.15
N ASN A 122 4.87 -2.94 -11.15
CA ASN A 122 4.13 -3.14 -9.91
C ASN A 122 4.82 -4.19 -9.04
N GLY A 123 5.11 -3.82 -7.80
CA GLY A 123 5.76 -4.69 -6.84
C GLY A 123 4.85 -4.92 -5.64
N SER A 124 5.26 -4.37 -4.49
CA SER A 124 4.49 -4.46 -3.28
C SER A 124 4.03 -3.09 -2.76
N GLN A 125 4.54 -1.99 -3.33
CA GLN A 125 4.25 -0.68 -2.76
C GLN A 125 2.94 -0.13 -3.31
N PHE A 126 2.22 0.51 -2.40
CA PHE A 126 0.89 1.04 -2.64
C PHE A 126 0.81 2.45 -2.07
N PHE A 127 -0.26 3.14 -2.46
CA PHE A 127 -0.61 4.39 -1.80
C PHE A 127 -2.12 4.45 -1.62
N ILE A 128 -2.48 5.26 -0.63
CA ILE A 128 -3.88 5.59 -0.36
C ILE A 128 -4.01 7.08 -0.65
N THR A 129 -4.87 7.45 -1.59
CA THR A 129 -5.07 8.86 -1.88
C THR A 129 -5.71 9.55 -0.68
N THR A 130 -5.40 10.83 -0.50
CA THR A 130 -6.07 11.62 0.52
C THR A 130 -6.80 12.84 -0.09
N LYS A 131 -6.73 12.96 -1.38
CA LYS A 131 -7.40 13.95 -2.21
C LYS A 131 -7.48 13.29 -3.59
N PRO A 132 -8.28 13.83 -4.52
CA PRO A 132 -8.19 13.31 -5.89
C PRO A 132 -6.77 13.50 -6.42
N THR A 133 -6.34 12.53 -7.22
CA THR A 133 -5.03 12.57 -7.88
C THR A 133 -5.14 12.18 -9.34
N PRO A 134 -5.99 12.91 -10.12
CA PRO A 134 -6.35 12.46 -11.46
C PRO A 134 -5.17 12.36 -12.42
N HIS A 135 -4.10 13.12 -12.20
CA HIS A 135 -2.96 13.06 -13.06
C HIS A 135 -2.26 11.70 -13.03
N LEU A 136 -2.56 10.89 -12.01
CA LEU A 136 -1.98 9.54 -11.93
C LEU A 136 -2.75 8.52 -12.77
N ASP A 137 -3.90 8.89 -13.31
CA ASP A 137 -4.65 7.99 -14.19
C ASP A 137 -3.74 7.60 -15.37
N GLY A 138 -3.75 6.30 -15.71
CA GLY A 138 -2.91 5.81 -16.77
C GLY A 138 -1.46 5.51 -16.36
N HIS A 139 -1.07 5.92 -15.17
CA HIS A 139 0.27 5.70 -14.67
C HIS A 139 0.31 4.70 -13.49
N HIS A 140 -0.74 4.71 -12.68
CA HIS A 140 -0.84 3.87 -11.48
C HIS A 140 -2.17 3.16 -11.51
N VAL A 141 -2.17 1.89 -11.15
CA VAL A 141 -3.40 1.10 -11.19
C VAL A 141 -4.16 1.20 -9.85
N VAL A 142 -5.36 1.78 -9.91
CA VAL A 142 -6.25 1.79 -8.77
C VAL A 142 -6.91 0.41 -8.67
N PHE A 143 -6.86 -0.18 -7.46
CA PHE A 143 -7.37 -1.53 -7.29
C PHE A 143 -8.20 -1.74 -6.04
N GLY A 144 -8.45 -0.70 -5.24
CA GLY A 144 -9.30 -0.90 -4.08
C GLY A 144 -9.63 0.44 -3.43
N GLN A 145 -10.22 0.35 -2.25
CA GLN A 145 -10.71 1.54 -1.57
C GLN A 145 -10.83 1.27 -0.08
N VAL A 146 -10.59 2.28 0.73
CA VAL A 146 -10.82 2.18 2.17
C VAL A 146 -12.33 2.13 2.43
N ILE A 147 -12.74 1.17 3.26
CA ILE A 147 -14.13 1.09 3.72
C ILE A 147 -14.30 1.42 5.19
N SER A 148 -13.24 1.38 6.01
CA SER A 148 -13.32 1.88 7.39
CA SER A 148 -13.28 1.71 7.42
C SER A 148 -11.90 2.21 7.81
N GLY A 149 -11.82 3.07 8.82
CA GLY A 149 -10.53 3.54 9.28
C GLY A 149 -10.02 4.75 8.52
N GLN A 150 -10.91 5.48 7.86
CA GLN A 150 -10.51 6.72 7.20
C GLN A 150 -9.81 7.66 8.14
N GLU A 151 -10.26 7.73 9.41
CA GLU A 151 -9.62 8.61 10.38
C GLU A 151 -8.20 8.22 10.68
N VAL A 152 -7.90 6.92 10.61
CA VAL A 152 -6.52 6.44 10.79
C VAL A 152 -5.66 6.93 9.63
N VAL A 153 -6.19 6.82 8.40
CA VAL A 153 -5.47 7.32 7.26
C VAL A 153 -5.17 8.81 7.41
N ARG A 154 -6.18 9.59 7.88
CA ARG A 154 -5.95 11.01 8.11
CA ARG A 154 -5.93 11.02 8.08
C ARG A 154 -4.85 11.27 9.14
N GLU A 155 -4.81 10.45 10.19
CA GLU A 155 -3.77 10.61 11.19
C GLU A 155 -2.38 10.32 10.61
N ILE A 156 -2.28 9.32 9.76
CA ILE A 156 -1.01 9.06 9.04
C ILE A 156 -0.64 10.26 8.19
N GLU A 157 -1.65 10.78 7.44
CA GLU A 157 -1.45 11.89 6.53
C GLU A 157 -0.93 13.15 7.23
N ASN A 158 -1.28 13.31 8.49
CA ASN A 158 -0.93 14.48 9.27
C ASN A 158 0.43 14.40 9.96
N GLN A 159 1.19 13.33 9.75
CA GLN A 159 2.47 13.21 10.41
C GLN A 159 3.48 14.21 9.85
N LYS A 160 4.30 14.78 10.74
CA LYS A 160 5.44 15.56 10.32
C LYS A 160 6.49 14.65 9.71
N THR A 161 7.10 15.09 8.61
CA THR A 161 8.00 14.26 7.84
C THR A 161 9.39 14.90 7.64
N ASP A 162 10.33 14.03 7.33
CA ASP A 162 11.73 14.39 7.10
C ASP A 162 11.87 14.87 5.64
N ALA A 163 13.14 15.02 5.23
CA ALA A 163 13.44 15.60 3.95
C ALA A 163 13.05 14.71 2.77
N ALA A 164 12.84 13.43 3.02
CA ALA A 164 12.36 12.46 2.06
C ALA A 164 10.88 12.21 2.22
N SER A 165 10.17 13.03 2.99
CA SER A 165 8.76 12.87 3.26
C SER A 165 8.47 11.59 4.04
N LYS A 166 9.46 11.09 4.77
CA LYS A 166 9.23 9.94 5.65
C LYS A 166 8.82 10.47 7.03
N PRO A 167 7.74 9.95 7.61
CA PRO A 167 7.33 10.40 8.94
C PRO A 167 8.48 10.28 9.96
N PHE A 168 8.60 11.31 10.78
CA PHE A 168 9.52 11.19 11.92
C PHE A 168 9.08 10.10 12.89
N ALA A 169 7.79 9.96 13.16
N ALA A 169 7.78 10.02 13.04
CA ALA A 169 7.21 8.93 14.02
CA ALA A 169 7.18 8.88 13.72
C ALA A 169 6.91 7.73 13.10
C ALA A 169 7.21 7.65 12.82
N GLU A 170 7.36 6.53 13.49
CA GLU A 170 7.25 5.31 12.73
C GLU A 170 5.77 4.93 12.54
N VAL A 171 5.33 4.82 11.30
CA VAL A 171 3.95 4.41 11.00
C VAL A 171 4.03 2.97 10.51
N ARG A 172 3.71 2.03 11.41
CA ARG A 172 3.96 0.62 11.18
C ARG A 172 2.66 -0.16 11.15
N ILE A 173 2.64 -1.15 10.25
CA ILE A 173 1.57 -2.12 10.17
C ILE A 173 1.88 -3.18 11.21
N LEU A 174 1.20 -3.14 12.36
CA LEU A 174 1.49 -4.15 13.39
CA LEU A 174 1.43 -4.12 13.45
C LEU A 174 0.97 -5.51 13.05
N SER A 175 -0.16 -5.56 12.36
CA SER A 175 -0.81 -6.78 11.98
C SER A 175 -1.64 -6.47 10.74
N CYS A 176 -1.92 -7.54 9.98
CA CYS A 176 -2.61 -7.37 8.71
C CYS A 176 -3.18 -8.71 8.31
N GLY A 177 -4.10 -8.68 7.35
CA GLY A 177 -4.71 -9.93 6.93
C GLY A 177 -5.92 -9.69 6.08
N GLU A 178 -6.68 -10.77 5.92
CA GLU A 178 -7.92 -10.81 5.16
C GLU A 178 -9.07 -11.09 6.08
N LEU A 179 -10.18 -10.43 5.88
CA LEU A 179 -11.43 -10.64 6.63
C LEU A 179 -12.35 -11.65 5.99
N VAL B 9 12.27 9.36 -6.30
CA VAL B 9 11.11 10.23 -6.09
C VAL B 9 11.37 11.56 -6.83
N ALA B 11 9.89 15.60 -8.33
CA ALA B 11 9.15 16.77 -7.91
C ALA B 11 7.66 16.71 -8.16
#